data_7M58
#
_entry.id   7M58
#
_cell.length_a   41.362
_cell.length_b   87.822
_cell.length_c   120.710
_cell.angle_alpha   90.000
_cell.angle_beta   90.000
_cell.angle_gamma   90.000
#
_symmetry.space_group_name_H-M   'P 21 21 21'
#
loop_
_entity.id
_entity.type
_entity.pdbx_description
1 polymer 'Tautomerase_3 domain-containing protein'
2 non-polymer 'SULFATE ION'
3 water water
#
_entity_poly.entity_id   1
_entity_poly.type   'polypeptide(L)'
_entity_poly.pdbx_seq_one_letter_code
;PSYAVSSRAGLIDQERRAAVADLLTTLHRDIAVAPRYLVQVIFNDLDAGALFLAGREAPEGHVWIHADIRSGRTAQQKTD
LLEQITSKVADVLELPPEHVWVYVNEIPGENMTEYGKLLPEPGKEEEWFATLPQSLQEELSDLR
;
_entity_poly.pdbx_strand_id   A,B,C
#
loop_
_chem_comp.id
_chem_comp.type
_chem_comp.name
_chem_comp.formula
SO4 non-polymer 'SULFATE ION' 'O4 S -2'
#
# COMPACT_ATOMS: atom_id res chain seq x y z
N PRO A 1 2.48 5.33 12.44
CA PRO A 1 1.95 4.01 12.07
C PRO A 1 0.53 4.05 11.55
N SER A 2 0.31 3.51 10.35
CA SER A 2 -1.03 3.37 9.78
C SER A 2 -1.24 1.90 9.47
N TYR A 3 -2.22 1.29 10.13
CA TYR A 3 -2.66 -0.06 9.82
C TYR A 3 -3.80 -0.01 8.81
N ALA A 4 -3.61 -0.65 7.67
CA ALA A 4 -4.70 -0.87 6.72
C ALA A 4 -5.15 -2.32 6.85
N VAL A 5 -6.45 -2.51 7.01
CA VAL A 5 -7.04 -3.82 7.28
C VAL A 5 -7.97 -4.12 6.13
N SER A 6 -7.67 -5.17 5.37
CA SER A 6 -8.47 -5.54 4.21
C SER A 6 -9.24 -6.81 4.52
N SER A 7 -10.55 -6.77 4.27
CA SER A 7 -11.44 -7.90 4.48
C SER A 7 -12.68 -7.70 3.62
N ARG A 8 -13.36 -8.81 3.32
CA ARG A 8 -14.67 -8.77 2.67
C ARG A 8 -15.60 -7.82 3.39
N ALA A 9 -16.16 -6.85 2.66
CA ALA A 9 -17.17 -5.98 3.24
C ALA A 9 -18.22 -6.82 3.94
N GLY A 10 -18.48 -6.47 5.20
CA GLY A 10 -19.41 -7.19 6.04
C GLY A 10 -18.75 -8.12 7.03
N LEU A 11 -17.47 -8.46 6.83
CA LEU A 11 -16.83 -9.36 7.78
C LEU A 11 -16.62 -8.68 9.12
N ILE A 12 -16.25 -7.41 9.13
CA ILE A 12 -15.97 -6.71 10.36
C ILE A 12 -17.05 -5.66 10.57
N ASP A 13 -18.02 -6.00 11.46
CA ASP A 13 -18.92 -5.07 12.17
C ASP A 13 -18.35 -3.67 12.38
N GLN A 14 -19.21 -2.68 12.53
CA GLN A 14 -18.70 -1.41 13.03
C GLN A 14 -18.18 -1.53 14.46
N GLU A 15 -18.81 -2.36 15.29
CA GLU A 15 -18.32 -2.45 16.67
C GLU A 15 -17.11 -3.36 16.81
N ARG A 16 -16.92 -4.29 15.87
CA ARG A 16 -15.72 -5.10 15.82
C ARG A 16 -14.59 -4.33 15.13
N ARG A 17 -14.93 -3.40 14.23
CA ARG A 17 -13.95 -2.42 13.74
C ARG A 17 -13.44 -1.57 14.88
N ALA A 18 -14.34 -1.14 15.76
CA ALA A 18 -13.93 -0.34 16.90
C ALA A 18 -13.01 -1.14 17.83
N ALA A 19 -13.32 -2.42 18.03
CA ALA A 19 -12.50 -3.28 18.88
C ALA A 19 -11.15 -3.56 18.24
N VAL A 20 -11.11 -3.78 16.92
CA VAL A 20 -9.85 -4.03 16.23
C VAL A 20 -8.96 -2.79 16.30
N ALA A 21 -9.54 -1.62 16.01
CA ALA A 21 -8.78 -0.38 16.08
C ALA A 21 -8.24 -0.15 17.49
N ASP A 22 -9.06 -0.41 18.52
CA ASP A 22 -8.58 -0.26 19.90
C ASP A 22 -7.43 -1.23 20.20
N LEU A 23 -7.54 -2.47 19.72
CA LEU A 23 -6.49 -3.45 19.98
C LEU A 23 -5.19 -3.11 19.26
N LEU A 24 -5.26 -2.86 17.93
CA LEU A 24 -4.05 -2.50 17.19
C LEU A 24 -3.38 -1.28 17.81
N THR A 25 -4.16 -0.26 18.14
CA THR A 25 -3.58 0.94 18.75
C THR A 25 -2.96 0.62 20.10
N THR A 26 -3.52 -0.34 20.82
CA THR A 26 -3.00 -0.70 22.13
C THR A 26 -1.75 -1.56 22.04
N LEU A 27 -1.79 -2.62 21.22
CA LEU A 27 -0.61 -3.43 21.02
C LEU A 27 0.53 -2.55 20.50
N HIS A 28 0.20 -1.62 19.62
CA HIS A 28 1.25 -0.76 19.10
C HIS A 28 1.84 0.13 20.19
N ARG A 29 1.00 0.65 21.13
CA ARG A 29 1.53 1.43 22.25
C ARG A 29 2.42 0.59 23.13
N ASP A 30 2.10 -0.69 23.29
CA ASP A 30 2.87 -1.51 24.21
C ASP A 30 4.08 -2.16 23.58
N ILE A 31 3.99 -2.69 22.35
CA ILE A 31 5.14 -3.38 21.78
C ILE A 31 6.12 -2.39 21.18
N ALA A 32 5.65 -1.56 20.24
CA ALA A 32 6.39 -0.34 19.95
C ALA A 32 6.24 0.58 21.14
N VAL A 33 7.25 1.40 21.40
CA VAL A 33 7.02 2.27 22.56
C VAL A 33 6.68 3.64 21.99
N ALA A 34 5.44 3.76 21.51
CA ALA A 34 4.98 4.89 20.75
C ALA A 34 3.59 5.36 21.28
N PRO A 35 3.37 6.65 21.25
CA PRO A 35 2.09 7.15 21.80
C PRO A 35 0.97 6.84 20.85
N ARG A 36 -0.18 6.51 21.44
CA ARG A 36 -1.37 6.12 20.68
C ARG A 36 -1.76 7.18 19.66
N TYR A 37 -1.51 8.47 19.96
CA TYR A 37 -2.01 9.50 19.07
C TYR A 37 -1.36 9.43 17.68
N LEU A 38 -0.31 8.61 17.52
CA LEU A 38 0.31 8.46 16.22
C LEU A 38 -0.38 7.41 15.36
N VAL A 39 -1.27 6.62 15.93
CA VAL A 39 -1.76 5.41 15.28
C VAL A 39 -3.02 5.73 14.47
N GLN A 40 -2.97 5.34 13.19
CA GLN A 40 -4.11 5.43 12.29
C GLN A 40 -4.49 4.01 11.87
N VAL A 41 -5.79 3.71 11.87
CA VAL A 41 -6.30 2.43 11.39
C VAL A 41 -7.31 2.69 10.30
N ILE A 42 -7.16 2.00 9.18
CA ILE A 42 -8.06 2.16 8.04
C ILE A 42 -8.61 0.80 7.66
N PHE A 43 -9.90 0.74 7.38
CA PHE A 43 -10.58 -0.49 6.97
C PHE A 43 -10.94 -0.37 5.50
N ASN A 44 -10.26 -1.16 4.66
CA ASN A 44 -10.59 -1.29 3.25
C ASN A 44 -11.51 -2.49 3.07
N ASP A 45 -12.79 -2.24 2.83
CA ASP A 45 -13.73 -3.33 2.64
C ASP A 45 -13.76 -3.75 1.18
N LEU A 46 -13.81 -5.05 0.95
CA LEU A 46 -13.65 -5.62 -0.37
C LEU A 46 -14.97 -6.19 -0.86
N ASP A 47 -15.16 -6.15 -2.18
CA ASP A 47 -16.31 -6.77 -2.85
C ASP A 47 -16.30 -8.29 -2.67
N ALA A 48 -17.40 -8.93 -3.08
CA ALA A 48 -17.65 -10.34 -2.78
C ALA A 48 -16.56 -11.27 -3.33
N GLY A 49 -16.20 -11.13 -4.59
CA GLY A 49 -15.25 -12.07 -5.16
C GLY A 49 -13.91 -11.42 -5.44
N ALA A 50 -13.48 -10.52 -4.56
CA ALA A 50 -12.33 -9.68 -4.86
C ALA A 50 -11.05 -10.18 -4.24
N LEU A 51 -11.12 -11.22 -3.40
CA LEU A 51 -9.97 -11.70 -2.65
C LEU A 51 -9.68 -13.15 -3.04
N PHE A 52 -8.44 -13.40 -3.44
CA PHE A 52 -8.02 -14.72 -3.88
C PHE A 52 -6.82 -15.18 -3.06
N LEU A 53 -6.80 -16.48 -2.75
CA LEU A 53 -5.67 -17.16 -2.13
C LEU A 53 -5.31 -18.38 -2.96
N ALA A 54 -4.03 -18.48 -3.35
CA ALA A 54 -3.54 -19.59 -4.15
C ALA A 54 -4.30 -19.69 -5.46
N GLY A 55 -4.62 -18.56 -6.05
CA GLY A 55 -5.34 -18.57 -7.31
C GLY A 55 -6.81 -18.90 -7.21
N ARG A 56 -7.32 -19.13 -6.00
CA ARG A 56 -8.71 -19.52 -5.81
C ARG A 56 -9.35 -18.51 -4.86
N GLU A 57 -10.65 -18.33 -5.00
CA GLU A 57 -11.36 -17.37 -4.17
C GLU A 57 -11.20 -17.70 -2.69
N ALA A 58 -10.95 -16.67 -1.90
CA ALA A 58 -10.66 -16.85 -0.49
C ALA A 58 -11.89 -17.29 0.32
N PRO A 59 -11.68 -17.89 1.49
CA PRO A 59 -12.80 -18.02 2.43
C PRO A 59 -13.22 -16.65 2.90
N GLU A 60 -14.49 -16.53 3.27
CA GLU A 60 -15.02 -15.25 3.72
C GLU A 60 -14.23 -14.73 4.92
N GLY A 61 -13.89 -15.62 5.86
CA GLY A 61 -13.13 -15.27 7.04
C GLY A 61 -11.65 -15.15 6.80
N HIS A 62 -11.25 -14.17 6.00
CA HIS A 62 -9.84 -13.91 5.72
C HIS A 62 -9.59 -12.41 5.85
N VAL A 63 -8.51 -12.06 6.54
CA VAL A 63 -8.17 -10.67 6.80
C VAL A 63 -6.69 -10.48 6.48
N TRP A 64 -6.37 -9.39 5.80
CA TRP A 64 -4.99 -9.00 5.55
C TRP A 64 -4.74 -7.66 6.21
N ILE A 65 -3.67 -7.59 7.01
CA ILE A 65 -3.30 -6.39 7.75
C ILE A 65 -1.99 -5.90 7.15
N HIS A 66 -1.99 -4.66 6.63
CA HIS A 66 -0.77 -4.02 6.15
C HIS A 66 -0.44 -2.84 7.06
N ALA A 67 0.75 -2.86 7.64
CA ALA A 67 1.15 -1.84 8.60
C ALA A 67 2.34 -1.07 8.06
N ASP A 68 2.27 0.25 8.08
CA ASP A 68 3.44 1.08 7.76
C ASP A 68 3.96 1.62 9.08
N ILE A 69 5.19 1.23 9.45
CA ILE A 69 5.83 1.64 10.68
C ILE A 69 7.20 2.25 10.36
N ARG A 70 7.72 3.00 11.31
CA ARG A 70 9.04 3.60 11.14
C ARG A 70 10.15 2.56 11.19
N SER A 71 11.15 2.74 10.35
CA SER A 71 12.34 1.91 10.47
C SER A 71 13.17 2.34 11.67
N GLY A 72 14.03 1.44 12.14
CA GLY A 72 14.89 1.68 13.29
C GLY A 72 14.50 0.92 14.55
N ARG A 73 13.48 0.08 14.47
CA ARG A 73 13.02 -0.71 15.61
C ARG A 73 13.79 -2.02 15.67
N THR A 74 13.89 -2.59 16.87
CA THR A 74 14.64 -3.82 17.03
C THR A 74 13.89 -4.97 16.35
N ALA A 75 14.67 -5.98 15.96
CA ALA A 75 14.08 -7.18 15.40
C ALA A 75 13.04 -7.76 16.33
N GLN A 76 13.30 -7.72 17.65
CA GLN A 76 12.39 -8.39 18.56
C GLN A 76 11.04 -7.71 18.64
N GLN A 77 11.00 -6.37 18.76
CA GLN A 77 9.68 -5.75 18.84
C GLN A 77 8.90 -5.92 17.53
N LYS A 78 9.59 -5.87 16.38
CA LYS A 78 8.90 -6.11 15.12
C LYS A 78 8.24 -7.48 15.09
N THR A 79 9.00 -8.55 15.34
CA THR A 79 8.39 -9.87 15.25
C THR A 79 7.35 -10.07 16.35
N ASP A 80 7.59 -9.47 17.50
CA ASP A 80 6.66 -9.56 18.62
C ASP A 80 5.34 -8.90 18.24
N LEU A 81 5.43 -7.71 17.64
CA LEU A 81 4.24 -7.03 17.13
C LEU A 81 3.49 -7.87 16.09
N LEU A 82 4.22 -8.56 15.20
CA LEU A 82 3.55 -9.38 14.19
C LEU A 82 2.83 -10.54 14.84
N GLU A 83 3.51 -11.29 15.70
CA GLU A 83 2.89 -12.45 16.32
C GLU A 83 1.68 -12.06 17.16
N GLN A 84 1.77 -10.93 17.84
CA GLN A 84 0.67 -10.52 18.70
C GLN A 84 -0.52 -9.99 17.89
N ILE A 85 -0.26 -9.35 16.74
CA ILE A 85 -1.35 -8.91 15.88
C ILE A 85 -2.09 -10.11 15.30
N THR A 86 -1.35 -11.07 14.76
CA THR A 86 -1.97 -12.29 14.27
C THR A 86 -2.78 -12.96 15.36
N SER A 87 -2.26 -12.96 16.58
CA SER A 87 -2.90 -13.71 17.66
C SER A 87 -4.17 -12.99 18.15
N LYS A 88 -4.03 -11.72 18.52
CA LYS A 88 -5.12 -11.04 19.20
C LYS A 88 -6.24 -10.64 18.25
N VAL A 89 -5.91 -10.32 17.00
CA VAL A 89 -6.94 -10.00 16.03
C VAL A 89 -7.73 -11.23 15.64
N ALA A 90 -7.05 -12.38 15.51
CA ALA A 90 -7.78 -13.63 15.24
C ALA A 90 -8.79 -13.92 16.36
N ASP A 91 -8.37 -13.77 17.62
CA ASP A 91 -9.31 -13.95 18.72
C ASP A 91 -10.42 -12.89 18.71
N VAL A 92 -10.07 -11.61 18.52
CA VAL A 92 -11.08 -10.55 18.55
C VAL A 92 -12.14 -10.78 17.48
N LEU A 93 -11.73 -11.24 16.29
CA LEU A 93 -12.66 -11.50 15.20
C LEU A 93 -13.22 -12.91 15.20
N GLU A 94 -12.81 -13.76 16.16
CA GLU A 94 -13.20 -15.17 16.20
C GLU A 94 -12.89 -15.87 14.88
N LEU A 95 -11.62 -15.75 14.48
CA LEU A 95 -11.01 -16.33 13.29
C LEU A 95 -9.85 -17.22 13.71
N PRO A 96 -9.46 -18.16 12.86
CA PRO A 96 -8.21 -18.88 13.11
C PRO A 96 -7.03 -18.02 12.76
N PRO A 97 -5.95 -18.06 13.54
CA PRO A 97 -4.78 -17.23 13.20
C PRO A 97 -4.25 -17.49 11.79
N GLU A 98 -4.51 -18.67 11.23
CA GLU A 98 -4.10 -18.95 9.85
C GLU A 98 -4.78 -18.04 8.83
N HIS A 99 -5.78 -17.27 9.23
CA HIS A 99 -6.45 -16.40 8.27
C HIS A 99 -6.38 -14.92 8.66
N VAL A 100 -5.47 -14.55 9.55
CA VAL A 100 -5.10 -13.15 9.74
C VAL A 100 -3.66 -13.02 9.27
N TRP A 101 -3.48 -12.46 8.09
CA TRP A 101 -2.17 -12.27 7.49
C TRP A 101 -1.69 -10.84 7.72
N VAL A 102 -0.46 -10.68 8.21
CA VAL A 102 0.07 -9.38 8.60
C VAL A 102 1.39 -9.13 7.87
N TYR A 103 1.51 -7.95 7.25
CA TYR A 103 2.74 -7.48 6.62
C TYR A 103 3.19 -6.18 7.27
N VAL A 104 4.48 -6.05 7.52
CA VAL A 104 5.05 -4.83 8.09
C VAL A 104 6.01 -4.22 7.09
N ASN A 105 5.69 -3.04 6.57
CA ASN A 105 6.61 -2.28 5.74
C ASN A 105 7.19 -1.18 6.62
N GLU A 106 8.49 -0.96 6.52
CA GLU A 106 9.20 -0.06 7.41
C GLU A 106 9.60 1.18 6.65
N ILE A 107 9.29 2.35 7.18
CA ILE A 107 9.69 3.45 6.34
C ILE A 107 10.37 4.45 7.27
N PRO A 108 11.41 5.17 6.85
CA PRO A 108 12.04 6.14 7.75
C PRO A 108 11.05 7.20 8.25
N GLY A 109 11.28 7.65 9.48
CA GLY A 109 10.40 8.65 10.08
C GLY A 109 10.34 9.95 9.29
N GLU A 110 11.49 10.40 8.79
CA GLU A 110 11.49 11.61 7.96
C GLU A 110 10.66 11.48 6.70
N ASN A 111 10.25 10.27 6.34
CA ASN A 111 9.35 10.06 5.21
C ASN A 111 7.88 10.07 5.64
N MET A 112 7.58 10.63 6.80
CA MET A 112 6.21 10.68 7.28
C MET A 112 5.92 12.05 7.87
N THR A 113 4.76 12.61 7.53
CA THR A 113 4.19 13.71 8.30
C THR A 113 2.94 13.17 8.99
N GLU A 114 2.78 13.55 10.25
CA GLU A 114 1.56 13.34 11.02
C GLU A 114 1.43 14.57 11.91
N TYR A 115 0.21 15.08 12.05
CA TYR A 115 -0.05 16.33 12.76
C TYR A 115 0.75 17.49 12.18
N GLY A 116 0.95 17.48 10.87
CA GLY A 116 1.63 18.55 10.17
C GLY A 116 3.13 18.64 10.33
N LYS A 117 3.78 17.61 10.91
CA LYS A 117 5.19 17.71 11.21
C LYS A 117 5.89 16.41 10.84
N LEU A 118 7.11 16.51 10.31
CA LEU A 118 7.85 15.30 10.00
C LEU A 118 8.08 14.51 11.29
N LEU A 119 7.95 13.21 11.19
CA LEU A 119 8.05 12.36 12.37
C LEU A 119 9.51 12.05 12.67
N PRO A 120 9.86 11.84 13.93
CA PRO A 120 11.25 11.52 14.24
C PRO A 120 11.51 10.02 14.24
N GLU A 121 12.79 9.70 14.40
CA GLU A 121 13.25 8.41 14.89
C GLU A 121 12.37 7.82 15.99
N PRO A 122 12.14 6.50 15.96
CA PRO A 122 11.44 5.81 17.05
C PRO A 122 12.24 5.94 18.33
N GLY A 123 11.54 6.25 19.41
CA GLY A 123 12.17 6.49 20.69
C GLY A 123 12.40 7.96 21.01
N LYS A 124 12.37 8.83 20.00
CA LYS A 124 12.56 10.26 20.18
C LYS A 124 11.25 11.03 20.20
N GLU A 125 10.15 10.41 20.63
CA GLU A 125 8.86 11.08 20.59
C GLU A 125 8.76 12.23 21.60
N GLU A 126 9.42 12.13 22.75
CA GLU A 126 9.39 13.24 23.73
C GLU A 126 10.03 14.49 23.14
N GLU A 127 11.22 14.34 22.56
CA GLU A 127 11.89 15.45 21.89
C GLU A 127 10.98 16.05 20.81
N TRP A 128 10.41 15.20 19.95
CA TRP A 128 9.51 15.66 18.90
C TRP A 128 8.33 16.42 19.49
N PHE A 129 7.71 15.85 20.53
CA PHE A 129 6.54 16.45 21.16
C PHE A 129 6.85 17.86 21.69
N ALA A 130 8.05 18.07 22.24
CA ALA A 130 8.39 19.38 22.79
C ALA A 130 8.56 20.46 21.72
N THR A 131 8.63 20.07 20.44
CA THR A 131 8.69 21.00 19.31
C THR A 131 7.31 21.43 18.84
N LEU A 132 6.24 20.72 19.18
CA LEU A 132 4.94 21.09 18.66
C LEU A 132 4.45 22.39 19.30
N PRO A 133 3.59 23.13 18.60
CA PRO A 133 2.93 24.28 19.26
C PRO A 133 2.09 23.83 20.44
N GLN A 134 2.06 24.70 21.46
CA GLN A 134 1.46 24.36 22.75
C GLN A 134 0.00 23.90 22.60
N SER A 135 -0.74 24.46 21.65
CA SER A 135 -2.13 24.05 21.49
C SER A 135 -2.21 22.65 20.90
N LEU A 136 -1.28 22.31 19.99
CA LEU A 136 -1.21 20.94 19.51
C LEU A 136 -0.74 20.01 20.62
N GLN A 137 0.14 20.48 21.49
CA GLN A 137 0.63 19.66 22.59
C GLN A 137 -0.52 19.18 23.48
N GLU A 138 -1.49 20.05 23.75
CA GLU A 138 -2.51 19.70 24.70
C GLU A 138 -3.70 18.95 24.08
N GLU A 139 -3.95 19.08 22.79
CA GLU A 139 -4.93 18.16 22.19
C GLU A 139 -4.37 16.75 22.12
N LEU A 140 -3.09 16.61 21.75
CA LEU A 140 -2.50 15.27 21.69
C LEU A 140 -2.43 14.61 23.06
N SER A 141 -2.10 15.37 24.11
CA SER A 141 -2.02 14.79 25.44
C SER A 141 -3.37 14.34 25.95
N ASP A 142 -4.47 14.90 25.44
CA ASP A 142 -5.79 14.41 25.81
C ASP A 142 -6.07 13.02 25.25
N LEU A 143 -5.44 12.62 24.15
CA LEU A 143 -5.59 11.28 23.60
C LEU A 143 -4.70 10.25 24.28
N PRO B 1 5.66 7.34 -9.99
CA PRO B 1 5.07 7.83 -8.75
C PRO B 1 3.56 7.65 -8.71
N SER B 2 3.09 6.96 -7.67
CA SER B 2 1.68 6.70 -7.49
C SER B 2 1.24 7.26 -6.14
N TYR B 3 0.44 8.30 -6.16
CA TYR B 3 -0.15 8.85 -4.96
C TYR B 3 -1.52 8.22 -4.74
N ALA B 4 -1.69 7.55 -3.61
CA ALA B 4 -2.99 7.06 -3.18
C ALA B 4 -3.49 7.94 -2.07
N VAL B 5 -4.68 8.47 -2.24
CA VAL B 5 -5.27 9.43 -1.31
C VAL B 5 -6.50 8.78 -0.71
N SER B 6 -6.47 8.52 0.59
CA SER B 6 -7.56 7.87 1.29
C SER B 6 -8.26 8.89 2.17
N SER B 7 -9.58 8.95 2.03
CA SER B 7 -10.41 9.84 2.82
C SER B 7 -11.82 9.27 2.87
N ARG B 8 -12.55 9.65 3.91
CA ARG B 8 -13.97 9.36 4.00
C ARG B 8 -14.65 9.81 2.72
N ALA B 9 -15.40 8.89 2.09
CA ALA B 9 -16.19 9.19 0.91
C ALA B 9 -17.00 10.47 1.10
N GLY B 10 -16.88 11.37 0.14
CA GLY B 10 -17.61 12.61 0.14
C GLY B 10 -16.81 13.81 0.64
N LEU B 11 -15.69 13.57 1.32
CA LEU B 11 -14.89 14.70 1.78
C LEU B 11 -14.25 15.42 0.60
N ILE B 12 -13.83 14.68 -0.42
CA ILE B 12 -13.21 15.26 -1.60
C ILE B 12 -14.19 15.10 -2.76
N ASP B 13 -14.91 16.17 -3.09
CA ASP B 13 -15.65 16.36 -4.35
C ASP B 13 -14.90 15.79 -5.54
N GLN B 14 -15.62 15.46 -6.63
CA GLN B 14 -14.95 15.15 -7.89
C GLN B 14 -14.08 16.31 -8.37
N GLU B 15 -14.55 17.51 -8.12
CA GLU B 15 -13.95 18.77 -8.53
C GLU B 15 -12.81 19.14 -7.59
N ARG B 16 -12.83 18.62 -6.40
CA ARG B 16 -11.74 18.66 -5.47
C ARG B 16 -10.74 17.53 -5.71
N ARG B 17 -11.19 16.41 -6.29
CA ARG B 17 -10.22 15.40 -6.70
C ARG B 17 -9.35 15.91 -7.81
N ALA B 18 -9.96 16.60 -8.79
CA ALA B 18 -9.18 17.11 -9.92
C ALA B 18 -8.16 18.13 -9.46
N ALA B 19 -8.53 19.00 -8.52
CA ALA B 19 -7.57 20.00 -8.07
C ALA B 19 -6.45 19.37 -7.28
N VAL B 20 -6.78 18.38 -6.44
CA VAL B 20 -5.75 17.68 -5.71
C VAL B 20 -4.85 16.93 -6.67
N ALA B 21 -5.46 16.22 -7.63
CA ALA B 21 -4.66 15.48 -8.61
C ALA B 21 -3.75 16.41 -9.39
N ASP B 22 -4.28 17.52 -9.88
CA ASP B 22 -3.43 18.43 -10.64
C ASP B 22 -2.29 18.99 -9.78
N LEU B 23 -2.58 19.30 -8.52
CA LEU B 23 -1.57 19.82 -7.60
C LEU B 23 -0.49 18.79 -7.29
N LEU B 24 -0.88 17.56 -6.97
CA LEU B 24 0.12 16.54 -6.70
C LEU B 24 1.03 16.33 -7.91
N THR B 25 0.45 16.19 -9.11
CA THR B 25 1.32 15.96 -10.25
C THR B 25 2.19 17.19 -10.53
N THR B 26 1.72 18.39 -10.21
CA THR B 26 2.54 19.57 -10.44
C THR B 26 3.64 19.66 -9.39
N LEU B 27 3.31 19.42 -8.12
CA LEU B 27 4.34 19.43 -7.07
C LEU B 27 5.40 18.39 -7.36
N HIS B 28 4.96 17.21 -7.81
CA HIS B 28 5.91 16.14 -8.10
C HIS B 28 6.80 16.53 -9.26
N ARG B 29 6.23 17.24 -10.25
CA ARG B 29 7.02 17.67 -11.39
C ARG B 29 8.06 18.70 -10.99
N ASP B 30 7.80 19.53 -9.98
CA ASP B 30 8.78 20.55 -9.63
C ASP B 30 9.78 20.08 -8.55
N ILE B 31 9.33 19.35 -7.52
CA ILE B 31 10.22 19.00 -6.42
C ILE B 31 11.05 17.77 -6.79
N ALA B 32 10.41 16.66 -7.09
CA ALA B 32 11.10 15.64 -7.87
C ALA B 32 11.24 16.21 -9.26
N VAL B 33 12.29 15.86 -9.98
CA VAL B 33 12.34 16.50 -11.29
C VAL B 33 12.01 15.47 -12.35
N ALA B 34 10.72 15.14 -12.46
CA ALA B 34 10.29 14.03 -13.27
C ALA B 34 9.05 14.49 -14.11
N PRO B 35 8.92 13.94 -15.30
CA PRO B 35 7.81 14.44 -16.14
C PRO B 35 6.46 14.02 -15.59
N ARG B 36 5.48 14.89 -15.83
CA ARG B 36 4.11 14.70 -15.35
C ARG B 36 3.52 13.36 -15.77
N TYR B 37 3.87 12.88 -16.96
CA TYR B 37 3.22 11.70 -17.51
C TYR B 37 3.52 10.42 -16.71
N LEU B 38 4.43 10.46 -15.74
CA LEU B 38 4.67 9.31 -14.88
C LEU B 38 3.77 9.28 -13.67
N VAL B 39 3.02 10.35 -13.38
CA VAL B 39 2.33 10.48 -12.10
C VAL B 39 0.93 9.92 -12.22
N GLN B 40 0.60 9.03 -11.30
CA GLN B 40 -0.70 8.46 -11.14
C GLN B 40 -1.23 8.87 -9.77
N VAL B 41 -2.49 9.29 -9.71
CA VAL B 41 -3.14 9.63 -8.45
C VAL B 41 -4.39 8.78 -8.33
N ILE B 42 -4.56 8.14 -7.17
CA ILE B 42 -5.69 7.27 -6.88
C ILE B 42 -6.41 7.80 -5.66
N PHE B 43 -7.75 7.78 -5.72
CA PHE B 43 -8.60 8.18 -4.59
C PHE B 43 -9.28 6.92 -4.06
N ASN B 44 -8.88 6.51 -2.85
CA ASN B 44 -9.50 5.42 -2.10
C ASN B 44 -10.51 6.03 -1.13
N ASP B 45 -11.81 5.86 -1.42
CA ASP B 45 -12.86 6.40 -0.57
C ASP B 45 -13.28 5.37 0.49
N LEU B 46 -13.52 5.86 1.69
CA LEU B 46 -13.73 5.01 2.86
C LEU B 46 -15.15 5.14 3.38
N ASP B 47 -15.63 4.06 4.02
CA ASP B 47 -16.93 4.04 4.68
C ASP B 47 -17.00 5.08 5.79
N ALA B 48 -18.21 5.20 6.35
CA ALA B 48 -18.45 6.18 7.41
C ALA B 48 -17.58 5.90 8.64
N GLY B 49 -17.51 4.65 9.08
CA GLY B 49 -16.77 4.40 10.30
C GLY B 49 -15.46 3.64 10.07
N ALA B 50 -14.81 3.90 8.94
CA ALA B 50 -13.68 3.08 8.52
C ALA B 50 -12.32 3.68 8.88
N LEU B 51 -12.28 4.89 9.43
CA LEU B 51 -11.00 5.53 9.70
C LEU B 51 -10.91 5.81 11.20
N PHE B 52 -9.84 5.36 11.83
CA PHE B 52 -9.62 5.56 13.26
C PHE B 52 -8.28 6.23 13.48
N LEU B 53 -8.25 7.13 14.46
CA LEU B 53 -7.06 7.83 14.91
C LEU B 53 -6.95 7.69 16.42
N ALA B 54 -5.79 7.25 16.91
CA ALA B 54 -5.55 7.08 18.35
C ALA B 54 -6.56 6.11 18.98
N GLY B 55 -6.92 5.06 18.24
CA GLY B 55 -7.87 4.09 18.72
C GLY B 55 -9.33 4.52 18.68
N ARG B 56 -9.62 5.73 18.18
CA ARG B 56 -10.96 6.29 18.11
C ARG B 56 -11.31 6.74 16.69
N GLU B 57 -12.60 6.86 16.42
CA GLU B 57 -13.02 7.31 15.10
C GLU B 57 -12.43 8.68 14.78
N ALA B 58 -11.90 8.82 13.57
CA ALA B 58 -11.28 10.04 13.12
C ALA B 58 -12.34 11.11 12.88
N PRO B 59 -11.96 12.38 12.92
CA PRO B 59 -12.84 13.42 12.39
C PRO B 59 -12.98 13.23 10.89
N GLU B 60 -14.09 13.72 10.34
CA GLU B 60 -14.31 13.59 8.91
C GLU B 60 -13.18 14.24 8.11
N GLY B 61 -12.72 15.41 8.56
CA GLY B 61 -11.70 16.14 7.83
C GLY B 61 -10.32 15.59 8.03
N HIS B 62 -10.11 14.36 7.56
CA HIS B 62 -8.80 13.73 7.65
C HIS B 62 -8.49 13.03 6.33
N VAL B 63 -7.28 13.22 5.83
CA VAL B 63 -6.82 12.66 4.57
C VAL B 63 -5.45 12.01 4.81
N TRP B 64 -5.26 10.80 4.28
CA TRP B 64 -3.97 10.11 4.32
C TRP B 64 -3.50 9.87 2.91
N ILE B 65 -2.28 10.32 2.61
CA ILE B 65 -1.69 10.22 1.28
C ILE B 65 -0.52 9.24 1.35
N HIS B 66 -0.56 8.19 0.53
CA HIS B 66 0.55 7.23 0.42
C HIS B 66 1.15 7.33 -0.97
N ALA B 67 2.44 7.61 -1.02
CA ALA B 67 3.16 7.81 -2.27
C ALA B 67 4.19 6.71 -2.45
N ASP B 68 4.22 6.11 -3.62
CA ASP B 68 5.32 5.23 -4.02
C ASP B 68 6.17 6.02 -5.00
N ILE B 69 7.42 6.30 -4.62
CA ILE B 69 8.34 7.06 -5.44
C ILE B 69 9.61 6.23 -5.64
N ARG B 70 10.36 6.58 -6.67
CA ARG B 70 11.63 5.91 -6.90
C ARG B 70 12.65 6.27 -5.81
N SER B 71 13.41 5.27 -5.36
CA SER B 71 14.53 5.52 -4.48
C SER B 71 15.66 6.18 -5.26
N GLY B 72 16.55 6.82 -4.53
CA GLY B 72 17.68 7.50 -5.14
C GLY B 72 17.60 9.01 -5.13
N ARG B 73 16.56 9.59 -4.52
CA ARG B 73 16.38 11.03 -4.43
C ARG B 73 17.00 11.59 -3.15
N THR B 74 17.40 12.86 -3.21
CA THR B 74 18.05 13.51 -2.07
C THR B 74 17.10 13.68 -0.90
N ALA B 75 17.69 13.76 0.29
CA ALA B 75 16.89 14.05 1.49
C ALA B 75 16.09 15.33 1.30
N GLN B 76 16.70 16.33 0.67
CA GLN B 76 16.09 17.65 0.55
C GLN B 76 14.85 17.59 -0.33
N GLN B 77 14.91 16.81 -1.42
CA GLN B 77 13.74 16.66 -2.28
C GLN B 77 12.59 15.98 -1.57
N LYS B 78 12.89 14.92 -0.82
CA LYS B 78 11.86 14.19 -0.11
C LYS B 78 11.19 15.06 0.94
N THR B 79 11.98 15.70 1.80
CA THR B 79 11.37 16.48 2.87
C THR B 79 10.62 17.68 2.31
N ASP B 80 11.12 18.27 1.23
CA ASP B 80 10.39 19.36 0.62
C ASP B 80 9.06 18.86 0.04
N LEU B 81 9.09 17.70 -0.64
CA LEU B 81 7.85 17.13 -1.17
C LEU B 81 6.85 16.83 -0.06
N LEU B 82 7.32 16.32 1.07
CA LEU B 82 6.43 15.94 2.17
C LEU B 82 5.77 17.16 2.78
N GLU B 83 6.57 18.18 3.10
CA GLU B 83 6.03 19.38 3.72
C GLU B 83 5.09 20.12 2.78
N GLN B 84 5.42 20.17 1.49
CA GLN B 84 4.57 20.91 0.55
C GLN B 84 3.28 20.17 0.22
N ILE B 85 3.31 18.84 0.17
CA ILE B 85 2.07 18.09 -0.03
C ILE B 85 1.16 18.28 1.16
N THR B 86 1.70 18.11 2.37
CA THR B 86 0.92 18.31 3.60
C THR B 86 0.35 19.72 3.69
N SER B 87 1.10 20.74 3.29
CA SER B 87 0.65 22.13 3.44
C SER B 87 -0.34 22.51 2.34
N LYS B 88 0.00 22.25 1.08
CA LYS B 88 -0.85 22.73 0.00
C LYS B 88 -2.10 21.86 -0.21
N VAL B 89 -2.02 20.55 0.05
CA VAL B 89 -3.25 19.76 -0.04
C VAL B 89 -4.19 20.14 1.10
N ALA B 90 -3.65 20.39 2.28
CA ALA B 90 -4.50 20.91 3.34
C ALA B 90 -5.19 22.18 2.89
N ASP B 91 -4.45 23.08 2.23
CA ASP B 91 -5.01 24.35 1.81
C ASP B 91 -6.09 24.16 0.75
N VAL B 92 -5.82 23.32 -0.26
CA VAL B 92 -6.79 23.09 -1.33
C VAL B 92 -8.08 22.48 -0.78
N LEU B 93 -7.97 21.61 0.22
CA LEU B 93 -9.12 20.94 0.78
C LEU B 93 -9.75 21.71 1.95
N GLU B 94 -9.23 22.87 2.32
CA GLU B 94 -9.69 23.62 3.48
C GLU B 94 -9.73 22.73 4.71
N LEU B 95 -8.60 22.09 4.99
CA LEU B 95 -8.38 21.21 6.12
C LEU B 95 -7.23 21.72 6.96
N PRO B 96 -7.13 21.35 8.21
CA PRO B 96 -5.95 21.68 8.99
C PRO B 96 -4.79 20.77 8.53
N PRO B 97 -3.61 21.36 8.36
CA PRO B 97 -2.46 20.54 7.91
C PRO B 97 -2.18 19.36 8.82
N GLU B 98 -2.55 19.48 10.09
CA GLU B 98 -2.43 18.38 11.03
C GLU B 98 -3.27 17.20 10.62
N HIS B 99 -4.13 17.34 9.63
CA HIS B 99 -5.02 16.26 9.23
C HIS B 99 -4.84 15.88 7.76
N VAL B 100 -3.71 16.26 7.17
CA VAL B 100 -3.22 15.68 5.94
C VAL B 100 -1.93 14.96 6.31
N TRP B 101 -2.00 13.64 6.47
CA TRP B 101 -0.83 12.83 6.83
C TRP B 101 -0.27 12.23 5.55
N VAL B 102 1.05 12.32 5.37
CA VAL B 102 1.71 11.90 4.13
C VAL B 102 2.83 10.91 4.45
N TYR B 103 2.82 9.78 3.74
CA TYR B 103 3.86 8.76 3.79
C TYR B 103 4.41 8.59 2.38
N VAL B 104 5.74 8.54 2.23
CA VAL B 104 6.37 8.25 0.95
C VAL B 104 7.16 6.96 1.09
N ASN B 105 6.81 5.97 0.29
CA ASN B 105 7.54 4.71 0.24
C ASN B 105 8.45 4.77 -0.97
N GLU B 106 9.66 4.26 -0.82
CA GLU B 106 10.65 4.36 -1.88
C GLU B 106 10.85 2.99 -2.49
N ILE B 107 10.74 2.94 -3.82
CA ILE B 107 10.85 1.72 -4.60
C ILE B 107 11.90 2.02 -5.67
N PRO B 108 12.87 1.15 -5.90
CA PRO B 108 13.79 1.38 -7.01
C PRO B 108 13.10 1.41 -8.36
N GLY B 109 13.67 2.19 -9.29
CA GLY B 109 13.08 2.34 -10.61
C GLY B 109 12.93 1.02 -11.35
N GLU B 110 13.94 0.15 -11.26
CA GLU B 110 13.85 -1.17 -11.87
C GLU B 110 12.73 -2.03 -11.28
N ASN B 111 12.12 -1.64 -10.17
CA ASN B 111 10.96 -2.34 -9.63
C ASN B 111 9.64 -1.70 -10.06
N MET B 112 9.65 -0.94 -11.15
CA MET B 112 8.47 -0.24 -11.65
C MET B 112 8.32 -0.42 -13.15
N THR B 113 7.09 -0.69 -13.58
CA THR B 113 6.68 -0.62 -14.96
C THR B 113 5.76 0.57 -15.12
N GLU B 114 5.97 1.37 -16.17
CA GLU B 114 4.99 2.37 -16.58
C GLU B 114 5.06 2.50 -18.09
N TYR B 115 3.91 2.60 -18.73
CA TYR B 115 3.85 2.58 -20.20
C TYR B 115 4.56 1.36 -20.76
N GLY B 116 4.52 0.26 -20.01
CA GLY B 116 5.08 -1.00 -20.46
C GLY B 116 6.59 -1.15 -20.41
N LYS B 117 7.32 -0.22 -19.79
CA LYS B 117 8.78 -0.31 -19.78
C LYS B 117 9.28 -0.05 -18.37
N LEU B 118 10.33 -0.76 -17.97
CA LEU B 118 10.91 -0.55 -16.66
C LEU B 118 11.45 0.87 -16.52
N LEU B 119 11.25 1.44 -15.36
CA LEU B 119 11.60 2.84 -15.17
C LEU B 119 13.09 2.96 -14.86
N PRO B 120 13.71 4.05 -15.26
CA PRO B 120 15.13 4.24 -14.93
C PRO B 120 15.23 4.88 -13.56
N GLU B 121 16.46 4.84 -13.00
CA GLU B 121 16.73 5.60 -11.79
C GLU B 121 16.56 7.08 -11.98
N PRO B 122 16.16 7.82 -10.95
CA PRO B 122 15.77 9.21 -11.07
C PRO B 122 16.87 10.11 -11.67
N GLY B 123 16.46 10.97 -12.59
CA GLY B 123 17.36 11.83 -13.34
C GLY B 123 17.72 11.33 -14.71
N LYS B 124 17.54 10.03 -14.97
CA LYS B 124 17.89 9.41 -16.23
C LYS B 124 16.69 9.30 -17.18
N GLU B 125 15.69 10.20 -17.05
CA GLU B 125 14.44 10.08 -17.81
C GLU B 125 14.61 10.38 -19.29
N GLU B 126 15.54 11.27 -19.65
CA GLU B 126 15.79 11.50 -21.08
C GLU B 126 16.24 10.22 -21.76
N GLU B 127 17.24 9.55 -21.20
CA GLU B 127 17.70 8.30 -21.78
C GLU B 127 16.55 7.32 -21.96
N TRP B 128 15.74 7.15 -20.91
CA TRP B 128 14.59 6.26 -20.98
C TRP B 128 13.66 6.67 -22.10
N PHE B 129 13.35 7.98 -22.21
CA PHE B 129 12.44 8.48 -23.22
C PHE B 129 12.93 8.15 -24.63
N ALA B 130 14.23 8.24 -24.86
CA ALA B 130 14.82 7.97 -26.17
C ALA B 130 14.74 6.50 -26.53
N THR B 131 14.37 5.64 -25.58
CA THR B 131 14.20 4.20 -25.79
C THR B 131 12.81 3.85 -26.32
N LEU B 132 11.83 4.72 -26.13
CA LEU B 132 10.46 4.41 -26.50
C LEU B 132 10.26 4.45 -28.02
N PRO B 133 9.28 3.70 -28.53
CA PRO B 133 8.89 3.88 -29.93
C PRO B 133 8.37 5.29 -30.16
N GLN B 134 8.59 5.80 -31.38
CA GLN B 134 8.20 7.18 -31.70
C GLN B 134 6.76 7.46 -31.32
N SER B 135 5.87 6.49 -31.54
CA SER B 135 4.45 6.73 -31.34
C SER B 135 4.12 6.88 -29.86
N LEU B 136 4.78 6.13 -28.98
CA LEU B 136 4.61 6.34 -27.56
C LEU B 136 5.25 7.67 -27.15
N GLN B 137 6.36 8.03 -27.80
CA GLN B 137 6.99 9.32 -27.51
C GLN B 137 6.03 10.47 -27.72
N GLU B 138 5.25 10.43 -28.79
CA GLU B 138 4.48 11.62 -29.10
C GLU B 138 3.20 11.70 -28.28
N GLU B 139 2.73 10.56 -27.76
CA GLU B 139 1.66 10.57 -26.77
C GLU B 139 2.13 11.14 -25.44
N LEU B 140 3.31 10.72 -24.97
CA LEU B 140 3.84 11.28 -23.72
C LEU B 140 4.12 12.76 -23.87
N SER B 141 4.60 13.18 -25.04
CA SER B 141 4.87 14.59 -25.25
C SER B 141 3.60 15.42 -25.20
N ASP B 142 2.44 14.81 -25.52
CA ASP B 142 1.17 15.51 -25.43
C ASP B 142 0.78 15.78 -23.98
N LEU B 143 1.23 14.93 -23.06
CA LEU B 143 1.08 15.14 -21.64
C LEU B 143 2.26 15.90 -21.08
N PRO C 1 3.28 -13.09 -0.47
CA PRO C 1 3.05 -12.22 -1.62
C PRO C 1 1.61 -11.83 -1.84
N SER C 2 1.30 -10.55 -1.82
CA SER C 2 -0.05 -10.11 -2.11
C SER C 2 0.00 -9.11 -3.27
N TYR C 3 -0.68 -9.47 -4.34
CA TYR C 3 -0.91 -8.59 -5.47
C TYR C 3 -2.20 -7.84 -5.21
N ALA C 4 -2.13 -6.51 -5.14
CA ALA C 4 -3.29 -5.65 -5.08
C ALA C 4 -3.45 -5.05 -6.46
N VAL C 5 -4.66 -5.15 -7.00
CA VAL C 5 -4.96 -4.75 -8.36
C VAL C 5 -6.02 -3.67 -8.30
N SER C 6 -5.68 -2.46 -8.71
CA SER C 6 -6.67 -1.38 -8.71
C SER C 6 -6.97 -0.97 -10.15
N SER C 7 -8.26 -0.87 -10.44
CA SER C 7 -8.78 -0.47 -11.74
C SER C 7 -10.18 0.09 -11.51
N ARG C 8 -10.62 0.89 -12.46
CA ARG C 8 -11.99 1.36 -12.48
C ARG C 8 -12.97 0.19 -12.37
N ALA C 9 -13.85 0.27 -11.38
CA ALA C 9 -14.91 -0.71 -11.19
C ALA C 9 -15.64 -1.03 -12.49
N GLY C 10 -15.76 -2.32 -12.79
CA GLY C 10 -16.43 -2.75 -13.99
C GLY C 10 -15.51 -3.08 -15.13
N LEU C 11 -14.24 -2.65 -15.07
CA LEU C 11 -13.29 -2.98 -16.11
C LEU C 11 -12.97 -4.47 -16.10
N ILE C 12 -12.77 -5.03 -14.90
CA ILE C 12 -12.40 -6.42 -14.74
C ILE C 12 -13.60 -7.16 -14.15
N ASP C 13 -14.34 -7.87 -15.00
CA ASP C 13 -15.33 -8.89 -14.66
C ASP C 13 -14.91 -9.75 -13.49
N GLN C 14 -15.88 -10.39 -12.83
CA GLN C 14 -15.55 -11.47 -11.92
C GLN C 14 -14.87 -12.62 -12.64
N GLU C 15 -15.22 -12.86 -13.90
CA GLU C 15 -14.59 -13.97 -14.60
C GLU C 15 -13.18 -13.61 -15.01
N ARG C 16 -12.89 -12.32 -15.22
CA ARG C 16 -11.52 -11.87 -15.44
C ARG C 16 -10.76 -11.64 -14.15
N ARG C 17 -11.44 -11.35 -13.05
CA ARG C 17 -10.76 -11.43 -11.76
C ARG C 17 -10.23 -12.85 -11.54
N ALA C 18 -11.02 -13.85 -11.89
CA ALA C 18 -10.55 -15.23 -11.74
C ALA C 18 -9.36 -15.53 -12.63
N ALA C 19 -9.37 -15.01 -13.88
CA ALA C 19 -8.27 -15.26 -14.80
C ALA C 19 -7.02 -14.51 -14.40
N VAL C 20 -7.17 -13.25 -13.97
CA VAL C 20 -6.01 -12.48 -13.55
C VAL C 20 -5.37 -13.10 -12.31
N ALA C 21 -6.20 -13.44 -11.31
CA ALA C 21 -5.67 -14.02 -10.09
C ALA C 21 -4.93 -15.32 -10.39
N ASP C 22 -5.53 -16.18 -11.23
CA ASP C 22 -4.84 -17.41 -11.61
C ASP C 22 -3.57 -17.11 -12.39
N LEU C 23 -3.59 -16.11 -13.26
CA LEU C 23 -2.39 -15.77 -14.02
C LEU C 23 -1.30 -15.26 -13.08
N LEU C 24 -1.62 -14.27 -12.25
CA LEU C 24 -0.66 -13.77 -11.28
C LEU C 24 -0.15 -14.90 -10.40
N THR C 25 -1.06 -15.74 -9.91
CA THR C 25 -0.64 -16.80 -9.00
C THR C 25 0.32 -17.78 -9.67
N THR C 26 0.12 -18.06 -10.96
CA THR C 26 0.98 -19.01 -11.68
C THR C 26 2.32 -18.38 -12.05
N LEU C 27 2.31 -17.14 -12.53
CA LEU C 27 3.55 -16.44 -12.83
C LEU C 27 4.42 -16.37 -11.58
N HIS C 28 3.82 -16.05 -10.43
CA HIS C 28 4.61 -15.97 -9.22
C HIS C 28 5.16 -17.33 -8.84
N ARG C 29 4.41 -18.39 -9.09
CA ARG C 29 4.97 -19.70 -8.79
C ARG C 29 6.14 -20.02 -9.71
N ASP C 30 6.10 -19.53 -10.96
CA ASP C 30 7.16 -19.93 -11.88
C ASP C 30 8.36 -18.99 -11.85
N ILE C 31 8.16 -17.67 -11.71
CA ILE C 31 9.30 -16.75 -11.77
C ILE C 31 9.96 -16.63 -10.40
N ALA C 32 9.20 -16.17 -9.40
CA ALA C 32 9.64 -16.42 -8.05
C ALA C 32 9.53 -17.91 -7.85
N VAL C 33 10.39 -18.49 -7.04
CA VAL C 33 10.24 -19.94 -6.98
C VAL C 33 9.60 -20.28 -5.63
N ALA C 34 8.30 -20.00 -5.52
CA ALA C 34 7.56 -20.05 -4.27
C ALA C 34 6.27 -20.79 -4.46
N PRO C 35 5.78 -21.47 -3.43
CA PRO C 35 4.57 -22.26 -3.59
C PRO C 35 3.34 -21.39 -3.77
N ARG C 36 2.42 -21.91 -4.58
CA ARG C 36 1.18 -21.24 -4.95
C ARG C 36 0.36 -20.78 -3.75
N TYR C 37 0.30 -21.60 -2.70
CA TYR C 37 -0.57 -21.29 -1.57
C TYR C 37 -0.14 -20.07 -0.75
N LEU C 38 1.02 -19.47 -1.07
CA LEU C 38 1.47 -18.25 -0.43
C LEU C 38 0.89 -16.99 -1.06
N VAL C 39 0.22 -17.12 -2.22
CA VAL C 39 -0.14 -15.95 -3.02
C VAL C 39 -1.53 -15.48 -2.66
N GLN C 40 -1.64 -14.19 -2.35
CA GLN C 40 -2.92 -13.52 -2.12
C GLN C 40 -3.08 -12.47 -3.21
N VAL C 41 -4.26 -12.40 -3.83
CA VAL C 41 -4.56 -11.40 -4.83
C VAL C 41 -5.82 -10.68 -4.41
N ILE C 42 -5.76 -9.35 -4.44
CA ILE C 42 -6.87 -8.49 -4.02
C ILE C 42 -7.24 -7.56 -5.16
N PHE C 43 -8.55 -7.37 -5.38
CA PHE C 43 -9.03 -6.43 -6.37
C PHE C 43 -9.68 -5.22 -5.67
N ASN C 44 -9.02 -4.06 -5.76
CA ASN C 44 -9.57 -2.80 -5.31
C ASN C 44 -10.23 -2.12 -6.50
N ASP C 45 -11.56 -2.10 -6.51
CA ASP C 45 -12.25 -1.39 -7.57
C ASP C 45 -12.43 0.07 -7.20
N LEU C 46 -12.33 0.94 -8.20
CA LEU C 46 -12.29 2.36 -7.99
C LEU C 46 -13.55 3.04 -8.50
N ASP C 47 -13.84 4.17 -7.86
CA ASP C 47 -14.91 5.07 -8.22
C ASP C 47 -14.71 5.56 -9.67
N ALA C 48 -15.75 6.18 -10.23
CA ALA C 48 -15.73 6.54 -11.65
C ALA C 48 -14.61 7.52 -11.98
N GLY C 49 -14.49 8.60 -11.24
CA GLY C 49 -13.48 9.57 -11.62
C GLY C 49 -12.29 9.61 -10.69
N ALA C 50 -11.89 8.44 -10.19
CA ALA C 50 -10.96 8.35 -9.07
C ALA C 50 -9.53 8.08 -9.49
N LEU C 51 -9.27 7.93 -10.79
CA LEU C 51 -7.97 7.59 -11.35
C LEU C 51 -7.47 8.71 -12.25
N PHE C 52 -6.28 9.25 -11.95
CA PHE C 52 -5.70 10.29 -12.77
C PHE C 52 -4.30 9.89 -13.21
N LEU C 53 -3.97 10.24 -14.45
CA LEU C 53 -2.65 10.06 -15.03
C LEU C 53 -2.21 11.41 -15.58
N ALA C 54 -1.02 11.85 -15.19
CA ALA C 54 -0.48 13.12 -15.67
C ALA C 54 -1.43 14.27 -15.37
N GLY C 55 -2.08 14.22 -14.21
CA GLY C 55 -2.97 15.27 -13.77
C GLY C 55 -4.35 15.28 -14.40
N ARG C 56 -4.65 14.37 -15.31
CA ARG C 56 -5.93 14.32 -16.00
C ARG C 56 -6.53 12.95 -15.76
N GLU C 57 -7.84 12.85 -15.90
CA GLU C 57 -8.51 11.56 -15.68
C GLU C 57 -7.96 10.49 -16.61
N ALA C 58 -7.70 9.30 -16.06
CA ALA C 58 -7.15 8.21 -16.85
C ALA C 58 -8.21 7.64 -17.79
N PRO C 59 -7.80 6.99 -18.89
CA PRO C 59 -8.76 6.23 -19.71
C PRO C 59 -9.26 5.07 -18.87
N GLU C 60 -10.48 4.56 -19.20
CA GLU C 60 -10.98 3.45 -18.39
C GLU C 60 -10.01 2.28 -18.41
N GLY C 61 -9.46 1.99 -19.57
CA GLY C 61 -8.64 0.80 -19.65
C GLY C 61 -7.26 0.97 -19.02
N HIS C 62 -7.23 1.22 -17.73
CA HIS C 62 -5.98 1.38 -17.00
C HIS C 62 -6.02 0.58 -15.69
N VAL C 63 -4.94 -0.16 -15.45
CA VAL C 63 -4.83 -1.05 -14.31
C VAL C 63 -3.50 -0.78 -13.64
N TRP C 64 -3.49 -0.72 -12.31
CA TRP C 64 -2.26 -0.60 -11.55
C TRP C 64 -2.14 -1.78 -10.59
N ILE C 65 -1.03 -2.49 -10.66
CA ILE C 65 -0.78 -3.65 -9.82
C ILE C 65 0.34 -3.32 -8.84
N HIS C 66 0.04 -3.46 -7.55
CA HIS C 66 1.02 -3.29 -6.49
C HIS C 66 1.29 -4.65 -5.86
N ALA C 67 2.55 -5.07 -5.86
CA ALA C 67 2.93 -6.38 -5.34
C ALA C 67 3.82 -6.18 -4.12
N ASP C 68 3.51 -6.88 -3.04
CA ASP C 68 4.38 -6.94 -1.88
C ASP C 68 5.08 -8.31 -1.94
N ILE C 69 6.41 -8.26 -2.04
CA ILE C 69 7.28 -9.40 -2.29
C ILE C 69 8.34 -9.49 -1.18
N ARG C 70 8.84 -10.70 -0.94
CA ARG C 70 9.95 -10.85 0.02
C ARG C 70 11.26 -10.35 -0.57
N SER C 71 12.10 -9.77 0.30
CA SER C 71 13.46 -9.39 -0.06
C SER C 71 14.33 -10.63 -0.22
N GLY C 72 15.41 -10.51 -0.99
CA GLY C 72 16.35 -11.61 -1.15
C GLY C 72 16.39 -12.28 -2.50
N ARG C 73 15.59 -11.82 -3.46
CA ARG C 73 15.55 -12.37 -4.81
C ARG C 73 16.53 -11.66 -5.75
N THR C 74 16.94 -12.38 -6.78
CA THR C 74 17.86 -11.83 -7.77
C THR C 74 17.19 -10.75 -8.62
N ALA C 75 18.04 -9.86 -9.13
CA ALA C 75 17.60 -8.82 -10.03
C ALA C 75 16.84 -9.40 -11.22
N GLN C 76 17.33 -10.50 -11.79
CA GLN C 76 16.72 -11.05 -12.99
C GLN C 76 15.35 -11.62 -12.68
N GLN C 77 15.21 -12.24 -11.51
CA GLN C 77 13.92 -12.79 -11.10
C GLN C 77 12.86 -11.69 -11.03
N LYS C 78 13.21 -10.56 -10.41
CA LYS C 78 12.30 -9.42 -10.29
C LYS C 78 11.95 -8.87 -11.66
N THR C 79 12.95 -8.70 -12.52
CA THR C 79 12.70 -8.11 -13.83
C THR C 79 11.80 -9.00 -14.70
N ASP C 80 11.99 -10.32 -14.62
CA ASP C 80 11.13 -11.24 -15.34
C ASP C 80 9.70 -11.23 -14.79
N LEU C 81 9.57 -11.18 -13.46
CA LEU C 81 8.24 -11.06 -12.87
C LEU C 81 7.55 -9.78 -13.29
N LEU C 82 8.29 -8.67 -13.34
CA LEU C 82 7.68 -7.40 -13.73
C LEU C 82 7.30 -7.39 -15.20
N GLU C 83 8.25 -7.75 -16.07
CA GLU C 83 7.96 -7.71 -17.49
C GLU C 83 6.87 -8.69 -17.86
N GLN C 84 6.84 -9.86 -17.22
CA GLN C 84 5.81 -10.82 -17.59
C GLN C 84 4.44 -10.44 -17.04
N ILE C 85 4.36 -9.80 -15.88
CA ILE C 85 3.06 -9.32 -15.41
C ILE C 85 2.53 -8.25 -16.36
N THR C 86 3.38 -7.29 -16.75
CA THR C 86 2.93 -6.24 -17.67
C THR C 86 2.38 -6.82 -18.96
N SER C 87 3.06 -7.83 -19.51
CA SER C 87 2.67 -8.39 -20.80
C SER C 87 1.47 -9.31 -20.69
N LYS C 88 1.52 -10.27 -19.76
CA LYS C 88 0.49 -11.29 -19.71
C LYS C 88 -0.80 -10.74 -19.12
N VAL C 89 -0.72 -9.81 -18.16
CA VAL C 89 -1.95 -9.21 -17.65
C VAL C 89 -2.58 -8.32 -18.71
N ALA C 90 -1.74 -7.63 -19.48
CA ALA C 90 -2.25 -6.84 -20.60
C ALA C 90 -3.03 -7.71 -21.60
N ASP C 91 -2.50 -8.88 -21.95
CA ASP C 91 -3.18 -9.77 -22.90
C ASP C 91 -4.47 -10.33 -22.36
N VAL C 92 -4.47 -10.79 -21.11
CA VAL C 92 -5.64 -11.42 -20.53
C VAL C 92 -6.80 -10.44 -20.50
N LEU C 93 -6.53 -9.18 -20.20
CA LEU C 93 -7.55 -8.15 -20.11
C LEU C 93 -7.82 -7.44 -21.43
N GLU C 94 -7.15 -7.82 -22.52
CA GLU C 94 -7.28 -7.15 -23.82
C GLU C 94 -7.02 -5.64 -23.68
N LEU C 95 -5.87 -5.32 -23.11
CA LEU C 95 -5.39 -3.97 -22.88
C LEU C 95 -4.05 -3.76 -23.59
N PRO C 96 -3.66 -2.51 -23.83
CA PRO C 96 -2.28 -2.24 -24.22
C PRO C 96 -1.36 -2.38 -23.01
N PRO C 97 -0.18 -2.97 -23.19
CA PRO C 97 0.75 -3.09 -22.05
C PRO C 97 1.13 -1.75 -21.44
N GLU C 98 1.01 -0.66 -22.21
CA GLU C 98 1.27 0.67 -21.69
C GLU C 98 0.32 1.04 -20.56
N HIS C 99 -0.77 0.30 -20.36
CA HIS C 99 -1.77 0.67 -19.36
C HIS C 99 -1.98 -0.42 -18.31
N VAL C 100 -1.00 -1.29 -18.16
CA VAL C 100 -0.85 -2.17 -17.00
C VAL C 100 0.42 -1.74 -16.31
N TRP C 101 0.28 -0.99 -15.22
CA TRP C 101 1.41 -0.48 -14.45
C TRP C 101 1.63 -1.37 -13.24
N VAL C 102 2.89 -1.78 -13.03
CA VAL C 102 3.26 -2.73 -11.98
C VAL C 102 4.38 -2.18 -11.11
N TYR C 103 4.18 -2.22 -9.80
CA TYR C 103 5.16 -1.86 -8.79
C TYR C 103 5.44 -3.08 -7.93
N VAL C 104 6.71 -3.29 -7.59
CA VAL C 104 7.10 -4.37 -6.69
C VAL C 104 7.77 -3.76 -5.45
N ASN C 105 7.17 -3.97 -4.28
CA ASN C 105 7.74 -3.55 -3.01
C ASN C 105 8.32 -4.77 -2.29
N GLU C 106 9.49 -4.61 -1.69
CA GLU C 106 10.18 -5.74 -1.07
C GLU C 106 10.19 -5.60 0.45
N ILE C 107 9.79 -6.67 1.12
CA ILE C 107 9.62 -6.78 2.57
C ILE C 107 10.39 -8.01 3.03
N PRO C 108 11.19 -7.95 4.10
CA PRO C 108 11.83 -9.16 4.62
C PRO C 108 10.81 -10.22 5.03
N GLY C 109 11.22 -11.49 4.90
CA GLY C 109 10.33 -12.60 5.20
C GLY C 109 9.77 -12.58 6.61
N GLU C 110 10.65 -12.40 7.58
CA GLU C 110 10.24 -12.14 8.96
C GLU C 110 9.44 -10.86 9.22
N ASN C 111 9.20 -10.01 8.21
CA ASN C 111 8.17 -8.98 8.39
C ASN C 111 6.79 -9.44 7.87
N MET C 112 6.60 -10.74 7.66
CA MET C 112 5.35 -11.24 7.09
C MET C 112 4.85 -12.44 7.86
N THR C 113 3.57 -12.42 8.14
CA THR C 113 2.85 -13.59 8.64
C THR C 113 1.92 -14.08 7.55
N GLU C 114 1.93 -15.40 7.34
CA GLU C 114 0.95 -16.09 6.52
C GLU C 114 0.67 -17.45 7.14
N TYR C 115 -0.61 -17.84 7.17
CA TYR C 115 -1.03 -19.08 7.83
C TYR C 115 -0.58 -19.12 9.28
N GLY C 116 -0.58 -17.99 9.95
CA GLY C 116 -0.24 -17.96 11.35
C GLY C 116 1.23 -18.08 11.67
N LYS C 117 2.12 -18.00 10.67
CA LYS C 117 3.53 -18.27 10.93
C LYS C 117 4.37 -17.27 10.15
N LEU C 118 5.43 -16.77 10.80
CA LEU C 118 6.36 -15.87 10.12
C LEU C 118 7.05 -16.55 8.94
N LEU C 119 7.21 -15.80 7.87
CA LEU C 119 7.71 -16.37 6.63
C LEU C 119 9.23 -16.44 6.60
N PRO C 120 9.77 -17.42 5.89
CA PRO C 120 11.23 -17.58 5.80
C PRO C 120 11.82 -16.76 4.68
N GLU C 121 13.16 -16.76 4.59
CA GLU C 121 13.85 -16.21 3.44
C GLU C 121 13.36 -16.90 2.18
N PRO C 122 13.31 -16.21 1.05
CA PRO C 122 12.92 -16.88 -0.19
C PRO C 122 13.91 -18.00 -0.46
N GLY C 123 13.40 -19.16 -0.85
CA GLY C 123 14.23 -20.32 -1.05
C GLY C 123 14.27 -21.30 0.11
N LYS C 124 13.88 -20.87 1.31
CA LYS C 124 13.80 -21.75 2.48
C LYS C 124 12.36 -22.22 2.74
N GLU C 125 11.53 -22.29 1.70
CA GLU C 125 10.12 -22.59 1.92
C GLU C 125 9.91 -24.01 2.41
N GLU C 126 10.76 -24.94 2.00
CA GLU C 126 10.66 -26.33 2.42
C GLU C 126 10.85 -26.48 3.93
N GLU C 127 11.94 -25.92 4.49
CA GLU C 127 12.16 -25.95 5.93
C GLU C 127 10.97 -25.34 6.67
N TRP C 128 10.47 -24.21 6.18
CA TRP C 128 9.29 -23.59 6.78
C TRP C 128 8.13 -24.58 6.80
N PHE C 129 7.89 -25.24 5.67
CA PHE C 129 6.81 -26.22 5.57
C PHE C 129 6.99 -27.32 6.60
N ALA C 130 8.24 -27.73 6.86
CA ALA C 130 8.49 -28.80 7.81
C ALA C 130 8.22 -28.39 9.26
N THR C 131 8.06 -27.10 9.54
CA THR C 131 7.73 -26.66 10.88
C THR C 131 6.22 -26.67 11.14
N LEU C 132 5.40 -26.70 10.10
CA LEU C 132 3.97 -26.59 10.29
C LEU C 132 3.40 -27.86 10.93
N PRO C 133 2.28 -27.74 11.66
CA PRO C 133 1.55 -28.93 12.10
C PRO C 133 1.07 -29.73 10.90
N GLN C 134 1.00 -31.05 11.11
CA GLN C 134 0.63 -31.96 10.02
C GLN C 134 -0.68 -31.57 9.34
N SER C 135 -1.67 -31.11 10.11
CA SER C 135 -2.96 -30.83 9.47
C SER C 135 -2.88 -29.60 8.57
N LEU C 136 -2.13 -28.57 9.00
CA LEU C 136 -1.91 -27.42 8.11
C LEU C 136 -1.08 -27.82 6.90
N GLN C 137 -0.12 -28.72 7.09
CA GLN C 137 0.67 -29.21 5.97
C GLN C 137 -0.25 -29.79 4.90
N GLU C 138 -1.31 -30.48 5.33
CA GLU C 138 -2.11 -31.25 4.38
C GLU C 138 -3.08 -30.39 3.59
N GLU C 139 -3.57 -29.27 4.14
CA GLU C 139 -4.33 -28.32 3.33
C GLU C 139 -3.42 -27.55 2.36
N LEU C 140 -2.24 -27.15 2.83
CA LEU C 140 -1.36 -26.44 1.90
C LEU C 140 -1.02 -27.35 0.72
N SER C 141 -0.79 -28.64 0.97
CA SER C 141 -0.55 -29.54 -0.14
C SER C 141 -1.78 -29.67 -1.02
N ASP C 142 -2.97 -29.41 -0.48
CA ASP C 142 -4.19 -29.40 -1.29
C ASP C 142 -4.20 -28.25 -2.29
N LEU C 143 -3.52 -27.15 -1.99
CA LEU C 143 -3.38 -26.07 -2.93
C LEU C 143 -2.18 -26.29 -3.83
S SO4 D . 5.91 3.64 14.36
O1 SO4 D . 7.29 3.04 14.15
O2 SO4 D . 4.89 2.81 13.63
O3 SO4 D . 5.85 5.07 13.87
O4 SO4 D . 5.46 3.53 15.80
S SO4 E . 9.37 9.12 -9.02
O1 SO4 E . 9.17 7.85 -9.82
O2 SO4 E . 9.51 10.31 -9.93
O3 SO4 E . 8.25 9.27 -8.02
O4 SO4 E . 10.70 9.12 -8.28
S SO4 F . 7.47 -13.99 -2.07
O1 SO4 F . 8.87 -13.45 -2.26
O2 SO4 F . 6.52 -13.37 -3.05
O3 SO4 F . 6.96 -13.76 -0.66
O4 SO4 F . 7.42 -15.51 -2.22
#